data_8CBY
#
_entry.id   8CBY
#
_cell.length_a   79.937
_cell.length_b   79.937
_cell.length_c   253.453
_cell.angle_alpha   90.000
_cell.angle_beta   90.000
_cell.angle_gamma   120.000
#
_symmetry.space_group_name_H-M   'P 65 2 2'
#
loop_
_entity.id
_entity.type
_entity.pdbx_description
1 polymer 'anti-cortisol (17) Fab (light chain)'
2 polymer 'anti-cortisol (17) Fab (heavy chain)'
3 non-polymer (11alpha,14beta)-11,17,21-trihydroxypregn-4-ene-3,20-dione
4 water water
#
loop_
_entity_poly.entity_id
_entity_poly.type
_entity_poly.pdbx_seq_one_letter_code
_entity_poly.pdbx_strand_id
1 'polypeptide(L)'
;DIELTQSPAVMSAFPGEEVTMTCSASSSINYMHWYQQKPGTSPKRWIYDTSKLASGVPARFSGSGSGTSYSLTISSMEAE
DAATYYCHQRSIFTFGSGTKLEIKRADAAPTVSIFPPSSEQLTSGGASVVCFLNNFYPKDINVKWKIDGSERQNGVLNSW
TDQDSKDSTYSMSSTLTLTKDEYERHNSYTCEATHKTSTSPIVKSFNRNEC
;
L
2 'polypeptide(L)'
;EVQLVESGGGLVKPGGSLKLSCAASGFAFGNYDMSWVRQTPEKRLEWVAFIGSGGGRIYYGDTMKGRFTISRDNAKNTLY
LQMSSLKSEDTAMYYCTRHYNYYYSMDYWGQGTSVIVSSAKTTPPSVYPLAPGSAAQTNSMVTLGCLVKGYFPEPVTVTW
NSGSLSSGVHTFPAVLQSDLYTLSSSVTVPSSTWPSETVTCNVAHPASSTKVDKKIVPRDCAAAHHHHHH
;
H
#
loop_
_chem_comp.id
_chem_comp.type
_chem_comp.name
_chem_comp.formula
HCY non-polymer (11alpha,14beta)-11,17,21-trihydroxypregn-4-ene-3,20-dione 'C21 H30 O5'
#
# COMPACT_ATOMS: atom_id res chain seq x y z
N ASP A 1 30.89 0.48 2.05
CA ASP A 1 29.56 0.63 2.71
C ASP A 1 29.03 -0.76 3.09
N ILE A 2 29.02 -1.07 4.38
CA ILE A 2 28.41 -2.36 4.81
C ILE A 2 26.97 -2.38 4.34
N GLU A 3 26.59 -3.43 3.62
CA GLU A 3 25.22 -3.49 3.07
C GLU A 3 24.54 -4.80 3.46
N LEU A 4 23.21 -4.74 3.61
CA LEU A 4 22.41 -5.90 3.97
C LEU A 4 21.60 -6.34 2.76
N THR A 5 21.45 -7.66 2.61
CA THR A 5 20.53 -8.22 1.62
C THR A 5 19.72 -9.30 2.33
N GLN A 6 18.48 -9.49 1.90
CA GLN A 6 17.59 -10.43 2.54
C GLN A 6 17.05 -11.42 1.53
N SER A 7 16.88 -12.66 1.98
CA SER A 7 16.39 -13.75 1.15
C SER A 7 15.45 -14.62 1.97
N PRO A 8 14.39 -15.18 1.34
CA PRO A 8 13.77 -14.80 0.05
C PRO A 8 13.01 -13.47 0.13
N ALA A 9 12.84 -12.75 -0.98
CA ALA A 9 12.05 -11.52 -0.93
C ALA A 9 10.58 -11.80 -0.60
N VAL A 10 10.04 -12.93 -1.06
CA VAL A 10 8.66 -13.32 -0.80
C VAL A 10 8.63 -14.83 -0.54
N MET A 11 7.86 -15.24 0.47
CA MET A 11 7.60 -16.66 0.68
C MET A 11 6.19 -16.83 1.20
N SER A 12 5.68 -18.04 1.07
CA SER A 12 4.34 -18.29 1.55
C SER A 12 4.28 -19.70 2.12
N ALA A 13 3.48 -19.85 3.16
CA ALA A 13 3.43 -21.13 3.83
C ALA A 13 2.07 -21.25 4.49
N PHE A 14 1.62 -22.47 4.65
CA PHE A 14 0.43 -22.72 5.44
C PHE A 14 0.72 -22.48 6.91
N PRO A 15 -0.29 -22.14 7.70
CA PRO A 15 -0.09 -22.17 9.15
C PRO A 15 0.32 -23.57 9.60
N GLY A 16 1.22 -23.65 10.59
CA GLY A 16 1.75 -24.90 11.10
C GLY A 16 3.15 -25.27 10.60
N GLU A 17 3.68 -24.54 9.62
CA GLU A 17 4.98 -24.84 9.05
C GLU A 17 6.09 -24.14 9.84
N GLU A 18 7.32 -24.63 9.66
CA GLU A 18 8.50 -23.88 10.09
C GLU A 18 8.86 -22.88 9.00
N VAL A 19 9.28 -21.68 9.42
CA VAL A 19 9.65 -20.62 8.49
C VAL A 19 11.05 -20.09 8.87
N THR A 20 11.90 -19.85 7.87
CA THR A 20 13.22 -19.27 8.08
C THR A 20 13.53 -18.25 7.00
N MET A 21 14.10 -17.11 7.40
CA MET A 21 14.51 -16.07 6.46
C MET A 21 15.87 -15.52 6.85
N THR A 22 16.67 -15.19 5.83
CA THR A 22 18.08 -14.87 5.99
C THR A 22 18.35 -13.40 5.70
N CYS A 23 19.31 -12.83 6.44
CA CYS A 23 19.80 -11.46 6.27
C CYS A 23 21.32 -11.54 6.21
N SER A 24 21.91 -11.06 5.11
CA SER A 24 23.35 -11.16 4.88
C SER A 24 24.00 -9.79 4.89
N ALA A 25 25.21 -9.72 5.42
CA ALA A 25 25.99 -8.49 5.43
C ALA A 25 27.21 -8.62 4.52
N SER A 26 27.59 -7.51 3.89
CA SER A 26 28.77 -7.48 3.03
C SER A 26 30.04 -7.70 3.83
N SER A 27 30.01 -7.42 5.14
CA SER A 27 31.14 -7.69 6.01
C SER A 27 30.61 -7.89 7.42
N SER A 28 31.43 -8.53 8.25
CA SER A 28 31.00 -8.96 9.57
C SER A 28 30.58 -7.78 10.45
N ILE A 29 29.46 -7.98 11.15
CA ILE A 29 28.89 -6.96 12.07
C ILE A 29 28.15 -7.75 13.16
N ASN A 30 27.63 -7.09 14.18
CA ASN A 30 26.99 -7.82 15.31
C ASN A 30 25.76 -7.07 15.85
N TYR A 31 24.98 -7.73 16.70
CA TYR A 31 23.77 -7.12 17.33
C TYR A 31 22.76 -6.74 16.25
N MET A 32 22.21 -7.75 15.57
CA MET A 32 21.24 -7.49 14.47
C MET A 32 19.84 -7.31 15.02
N HIS A 33 19.08 -6.43 14.41
CA HIS A 33 17.69 -6.20 14.78
C HIS A 33 16.76 -6.61 13.64
N TRP A 34 15.50 -6.87 13.99
CA TRP A 34 14.48 -7.20 13.00
C TRP A 34 13.19 -6.44 13.34
N TYR A 35 12.57 -5.87 12.30
CA TYR A 35 11.35 -5.07 12.40
C TYR A 35 10.25 -5.67 11.56
N GLN A 36 9.04 -5.72 12.12
CA GLN A 36 7.87 -6.30 11.45
C GLN A 36 6.98 -5.15 10.98
N GLN A 37 6.54 -5.21 9.72
CA GLN A 37 5.62 -4.20 9.19
C GLN A 37 4.41 -4.85 8.51
N LYS A 38 3.25 -4.25 8.74
CA LYS A 38 1.99 -4.68 8.15
C LYS A 38 1.35 -3.48 7.48
N PRO A 39 0.52 -3.69 6.45
CA PRO A 39 0.08 -2.57 5.61
C PRO A 39 -0.64 -1.50 6.41
N GLY A 40 -0.30 -0.24 6.10
CA GLY A 40 -0.89 0.92 6.73
C GLY A 40 -0.34 1.32 8.08
N THR A 41 0.57 0.55 8.70
CA THR A 41 1.08 0.90 10.02
C THR A 41 2.61 0.97 10.02
N SER A 42 3.13 1.52 11.12
CA SER A 42 4.56 1.74 11.32
C SER A 42 5.31 0.44 11.53
N PRO A 43 6.60 0.42 11.20
CA PRO A 43 7.44 -0.72 11.61
C PRO A 43 7.46 -0.83 13.12
N LYS A 44 7.60 -2.07 13.59
CA LYS A 44 7.57 -2.43 15.00
C LYS A 44 8.83 -3.20 15.33
N ARG A 45 9.43 -2.95 16.48
CA ARG A 45 10.60 -3.77 16.88
C ARG A 45 10.10 -5.18 17.23
N TRP A 46 10.74 -6.20 16.67
CA TRP A 46 10.33 -7.60 16.91
C TRP A 46 11.49 -8.35 17.58
N ILE A 47 12.62 -8.45 16.90
CA ILE A 47 13.82 -9.06 17.51
C ILE A 47 14.90 -7.98 17.59
N TYR A 48 15.70 -7.99 18.65
CA TYR A 48 16.80 -7.00 18.80
C TYR A 48 18.02 -7.65 19.44
N ASP A 49 19.21 -7.08 19.19
CA ASP A 49 20.49 -7.62 19.71
C ASP A 49 20.61 -9.08 19.26
N THR A 50 20.21 -9.36 18.03
CA THR A 50 20.35 -10.71 17.39
C THR A 50 19.40 -11.76 17.97
N SER A 51 19.15 -11.77 19.27
CA SER A 51 18.38 -12.90 19.88
C SER A 51 17.29 -12.48 20.87
N LYS A 52 17.19 -11.21 21.26
CA LYS A 52 16.23 -10.86 22.29
C LYS A 52 14.87 -10.61 21.64
N LEU A 53 13.81 -11.11 22.26
CA LEU A 53 12.47 -10.85 21.76
C LEU A 53 11.93 -9.55 22.35
N ALA A 54 11.39 -8.67 21.50
CA ALA A 54 10.72 -7.49 22.00
C ALA A 54 9.47 -7.91 22.78
N SER A 55 8.90 -6.96 23.52
CA SER A 55 7.72 -7.27 24.31
C SER A 55 6.54 -7.65 23.41
N GLY A 56 5.78 -8.65 23.82
CA GLY A 56 4.62 -9.06 23.06
C GLY A 56 4.90 -9.97 21.88
N VAL A 57 6.14 -10.41 21.70
CA VAL A 57 6.52 -11.29 20.60
C VAL A 57 6.47 -12.73 21.11
N PRO A 58 5.67 -13.60 20.49
CA PRO A 58 5.56 -14.99 20.98
C PRO A 58 6.86 -15.76 20.87
N ALA A 59 7.04 -16.72 21.78
CA ALA A 59 8.27 -17.50 21.83
C ALA A 59 8.45 -18.43 20.63
N ARG A 60 7.44 -18.56 19.75
CA ARG A 60 7.67 -19.24 18.49
C ARG A 60 8.73 -18.56 17.62
N PHE A 61 8.95 -17.25 17.79
CA PHE A 61 10.00 -16.55 17.03
C PHE A 61 11.36 -16.69 17.71
N SER A 62 12.42 -16.70 16.90
CA SER A 62 13.78 -16.75 17.42
C SER A 62 14.72 -16.19 16.39
N GLY A 63 15.74 -15.49 16.86
CA GLY A 63 16.73 -14.88 15.98
C GLY A 63 18.10 -15.40 16.35
N SER A 64 18.97 -15.51 15.36
CA SER A 64 20.29 -16.09 15.59
C SER A 64 21.21 -15.61 14.47
N GLY A 65 22.50 -15.97 14.60
CA GLY A 65 23.50 -15.69 13.60
C GLY A 65 24.73 -15.01 14.18
N SER A 66 25.69 -14.76 13.30
CA SER A 66 26.94 -14.07 13.62
C SER A 66 27.63 -13.72 12.32
N GLY A 67 28.70 -12.93 12.43
CA GLY A 67 29.54 -12.68 11.27
C GLY A 67 28.74 -11.95 10.22
N THR A 68 28.70 -12.55 9.03
CA THR A 68 28.00 -11.98 7.89
C THR A 68 26.65 -12.63 7.63
N SER A 69 26.16 -13.49 8.53
CA SER A 69 24.91 -14.18 8.23
C SER A 69 24.04 -14.29 9.47
N TYR A 70 22.76 -13.98 9.30
CA TYR A 70 21.79 -13.96 10.37
C TYR A 70 20.48 -14.47 9.81
N SER A 71 19.56 -14.82 10.71
CA SER A 71 18.31 -15.42 10.28
C SER A 71 17.25 -15.25 11.35
N LEU A 72 16.01 -15.22 10.90
CA LEU A 72 14.85 -15.16 11.77
C LEU A 72 14.00 -16.39 11.48
N THR A 73 13.54 -17.04 12.54
CA THR A 73 12.91 -18.35 12.44
C THR A 73 11.59 -18.34 13.21
N ILE A 74 10.57 -18.97 12.63
CA ILE A 74 9.24 -19.07 13.23
C ILE A 74 8.86 -20.55 13.27
N SER A 75 8.57 -21.06 14.46
CA SER A 75 7.98 -22.39 14.57
C SER A 75 6.47 -22.30 14.47
N SER A 76 5.86 -23.34 13.92
CA SER A 76 4.40 -23.54 13.88
C SER A 76 3.65 -22.25 13.56
N MET A 77 3.90 -21.75 12.35
CA MET A 77 3.49 -20.42 11.97
C MET A 77 1.98 -20.24 12.11
N GLU A 78 1.56 -19.04 12.52
CA GLU A 78 0.16 -18.67 12.69
C GLU A 78 -0.18 -17.56 11.72
N ALA A 79 -1.45 -17.37 11.39
CA ALA A 79 -1.84 -16.36 10.36
C ALA A 79 -1.38 -14.94 10.70
N GLU A 80 -1.42 -14.54 11.97
CA GLU A 80 -1.02 -13.18 12.42
C GLU A 80 0.46 -12.88 12.13
N ASP A 81 1.28 -13.90 11.89
CA ASP A 81 2.72 -13.71 11.63
C ASP A 81 2.92 -13.12 10.23
N ALA A 82 1.88 -13.11 9.40
CA ALA A 82 1.97 -12.58 8.02
C ALA A 82 2.35 -11.10 8.07
N ALA A 83 3.43 -10.74 7.40
CA ALA A 83 3.95 -9.36 7.45
C ALA A 83 5.25 -9.28 6.68
N THR A 84 5.87 -8.11 6.69
CA THR A 84 7.20 -7.97 6.08
C THR A 84 8.21 -7.83 7.23
N TYR A 85 9.30 -8.58 7.15
CA TYR A 85 10.35 -8.54 8.20
C TYR A 85 11.61 -7.92 7.60
N TYR A 86 12.12 -6.87 8.23
CA TYR A 86 13.27 -6.12 7.73
C TYR A 86 14.40 -6.21 8.74
N CYS A 87 15.60 -6.57 8.29
CA CYS A 87 16.75 -6.51 9.20
C CYS A 87 17.45 -5.15 9.12
N HIS A 88 18.17 -4.84 10.20
CA HIS A 88 18.90 -3.57 10.29
C HIS A 88 19.86 -3.62 11.47
N GLN A 89 20.99 -2.92 11.31
CA GLN A 89 22.08 -2.95 12.28
C GLN A 89 22.69 -1.54 12.40
N ARG A 90 23.41 -1.31 13.52
CA ARG A 90 23.67 0.05 13.98
C ARG A 90 24.63 0.83 13.08
N SER A 91 25.34 0.16 12.18
CA SER A 91 26.25 0.81 11.24
C SER A 91 25.71 0.88 9.80
N ILE A 92 24.41 0.59 9.61
CA ILE A 92 23.82 0.36 8.29
C ILE A 92 22.96 1.56 7.91
N PHE A 93 23.16 2.10 6.70
CA PHE A 93 22.35 3.23 6.27
C PHE A 93 20.99 2.76 5.74
N THR A 94 20.99 1.79 4.83
CA THR A 94 19.76 1.29 4.24
C THR A 94 19.36 -0.02 4.91
N PHE A 95 18.10 -0.09 5.34
CA PHE A 95 17.60 -1.35 5.88
C PHE A 95 17.64 -2.43 4.80
N GLY A 96 17.75 -3.67 5.22
CA GLY A 96 17.53 -4.73 4.25
C GLY A 96 16.15 -4.59 3.59
N SER A 97 15.99 -5.12 2.38
CA SER A 97 14.77 -4.90 1.60
C SER A 97 13.59 -5.75 2.07
N GLY A 98 13.80 -6.69 2.97
CA GLY A 98 12.73 -7.38 3.67
C GLY A 98 12.33 -8.69 3.03
N THR A 99 11.80 -9.59 3.86
CA THR A 99 11.07 -10.77 3.41
C THR A 99 9.61 -10.57 3.72
N LYS A 100 8.74 -10.82 2.73
CA LYS A 100 7.30 -10.75 2.93
C LYS A 100 6.75 -12.16 3.04
N LEU A 101 6.17 -12.47 4.19
CA LEU A 101 5.62 -13.78 4.45
C LEU A 101 4.13 -13.72 4.21
N GLU A 102 3.62 -14.61 3.37
CA GLU A 102 2.20 -14.63 3.04
C GLU A 102 1.60 -16.00 3.37
N ILE A 103 0.29 -16.02 3.56
CA ILE A 103 -0.43 -17.23 3.97
C ILE A 103 -0.83 -18.05 2.74
N LYS A 104 -0.37 -19.31 2.70
CA LYS A 104 -0.86 -20.26 1.72
C LYS A 104 -2.25 -20.76 2.11
N ARG A 105 -3.07 -21.03 1.09
CA ARG A 105 -4.43 -21.53 1.28
C ARG A 105 -4.83 -22.31 0.03
N ALA A 106 -6.06 -22.84 0.06
CA ALA A 106 -6.59 -23.60 -1.06
C ALA A 106 -6.81 -22.70 -2.27
N ASP A 107 -6.63 -23.29 -3.45
CA ASP A 107 -6.84 -22.57 -4.71
C ASP A 107 -8.30 -22.14 -4.85
N ALA A 108 -8.46 -20.94 -5.42
CA ALA A 108 -9.82 -20.41 -5.64
C ALA A 108 -9.83 -19.66 -6.98
N ALA A 109 -10.89 -19.85 -7.75
CA ALA A 109 -11.02 -19.19 -9.05
C ALA A 109 -11.70 -17.84 -8.86
N PRO A 110 -11.40 -16.84 -9.70
CA PRO A 110 -11.94 -15.50 -9.51
C PRO A 110 -13.40 -15.26 -9.90
N THR A 111 -14.08 -14.40 -9.14
CA THR A 111 -15.43 -13.94 -9.56
C THR A 111 -15.18 -12.75 -10.49
N VAL A 112 -15.50 -12.88 -11.77
CA VAL A 112 -15.17 -11.82 -12.77
C VAL A 112 -16.40 -10.97 -13.14
N SER A 113 -16.22 -9.66 -13.20
CA SER A 113 -17.32 -8.73 -13.53
C SER A 113 -16.78 -7.62 -14.45
N ILE A 114 -17.49 -7.34 -15.54
CA ILE A 114 -17.04 -6.31 -16.52
C ILE A 114 -17.99 -5.11 -16.48
N PHE A 115 -17.44 -3.92 -16.63
CA PHE A 115 -18.24 -2.68 -16.57
C PHE A 115 -17.90 -1.79 -17.75
N PRO A 116 -18.89 -1.53 -18.63
CA PRO A 116 -18.68 -0.63 -19.74
C PRO A 116 -18.47 0.81 -19.23
N PRO A 117 -17.78 1.66 -20.01
CA PRO A 117 -17.61 3.04 -19.63
C PRO A 117 -18.91 3.76 -19.25
N SER A 118 -18.88 4.49 -18.16
CA SER A 118 -20.04 5.30 -17.71
C SER A 118 -20.36 6.41 -18.72
N SER A 119 -21.62 6.81 -18.80
CA SER A 119 -22.03 7.92 -19.68
C SER A 119 -21.39 9.22 -19.21
N GLU A 120 -21.15 9.34 -17.90
CA GLU A 120 -20.54 10.56 -17.33
C GLU A 120 -19.08 10.69 -17.77
N GLN A 121 -18.33 9.59 -17.74
CA GLN A 121 -16.94 9.66 -18.24
C GLN A 121 -16.97 9.98 -19.73
N LEU A 122 -17.89 9.35 -20.45
CA LEU A 122 -17.98 9.58 -21.92
C LEU A 122 -18.25 11.05 -22.19
N THR A 123 -19.11 11.67 -21.37
CA THR A 123 -19.41 13.12 -21.51
C THR A 123 -18.10 13.91 -21.45
N SER A 124 -17.16 13.48 -20.62
CA SER A 124 -15.87 14.19 -20.44
C SER A 124 -14.87 13.85 -21.55
N GLY A 125 -15.07 12.76 -22.29
CA GLY A 125 -14.17 12.48 -23.42
C GLY A 125 -13.23 11.33 -23.14
N GLY A 126 -13.40 10.68 -21.99
CA GLY A 126 -12.60 9.48 -21.66
C GLY A 126 -13.46 8.24 -21.65
N ALA A 127 -12.85 7.08 -21.79
CA ALA A 127 -13.58 5.80 -21.78
C ALA A 127 -12.77 4.73 -21.05
N SER A 128 -13.18 4.41 -19.84
CA SER A 128 -12.48 3.37 -19.07
C SER A 128 -13.36 2.11 -18.99
N VAL A 129 -12.83 0.98 -19.44
CA VAL A 129 -13.55 -0.32 -19.29
C VAL A 129 -12.96 -1.02 -18.08
N VAL A 130 -13.77 -1.29 -17.06
CA VAL A 130 -13.23 -1.86 -15.79
C VAL A 130 -13.65 -3.32 -15.65
N CYS A 131 -12.72 -4.18 -15.28
CA CYS A 131 -13.01 -5.60 -15.05
C CYS A 131 -12.43 -5.98 -13.69
N PHE A 132 -13.27 -6.50 -12.80
CA PHE A 132 -12.83 -6.91 -11.45
C PHE A 132 -12.66 -8.43 -11.41
N LEU A 133 -11.61 -8.89 -10.75
CA LEU A 133 -11.33 -10.35 -10.57
C LEU A 133 -11.21 -10.54 -9.06
N ASN A 134 -12.26 -11.05 -8.42
CA ASN A 134 -12.25 -11.02 -6.94
C ASN A 134 -12.22 -12.38 -6.23
N ASN A 135 -11.56 -12.41 -5.07
CA ASN A 135 -11.54 -13.61 -4.19
C ASN A 135 -10.93 -14.82 -4.90
N PHE A 136 -9.67 -14.70 -5.31
CA PHE A 136 -8.97 -15.81 -6.00
C PHE A 136 -7.68 -16.19 -5.29
N TYR A 137 -7.13 -17.36 -5.62
CA TYR A 137 -5.82 -17.81 -5.09
C TYR A 137 -5.34 -18.96 -5.97
N PRO A 138 -4.06 -18.99 -6.41
CA PRO A 138 -3.01 -18.07 -5.91
C PRO A 138 -3.05 -16.64 -6.47
N LYS A 139 -2.06 -15.82 -6.11
CA LYS A 139 -2.04 -14.39 -6.53
C LYS A 139 -1.71 -14.27 -8.02
N ASP A 140 -0.83 -15.14 -8.49
CA ASP A 140 -0.46 -15.12 -9.88
C ASP A 140 -1.68 -15.42 -10.73
N ILE A 141 -2.11 -14.45 -11.54
CA ILE A 141 -3.25 -14.64 -12.42
C ILE A 141 -2.97 -13.83 -13.66
N ASN A 142 -3.54 -14.24 -14.77
CA ASN A 142 -3.31 -13.59 -16.05
C ASN A 142 -4.65 -13.12 -16.61
N VAL A 143 -4.68 -11.87 -17.06
CA VAL A 143 -5.86 -11.22 -17.62
C VAL A 143 -5.55 -10.88 -19.07
N LYS A 144 -6.50 -11.17 -19.97
CA LYS A 144 -6.37 -10.83 -21.38
C LYS A 144 -7.59 -10.03 -21.84
N TRP A 145 -7.37 -9.03 -22.69
CA TRP A 145 -8.44 -8.24 -23.28
C TRP A 145 -8.51 -8.52 -24.78
N LYS A 146 -9.73 -8.72 -25.30
CA LYS A 146 -9.96 -8.83 -26.74
C LYS A 146 -10.97 -7.77 -27.18
N ILE A 147 -10.65 -7.08 -28.28
CA ILE A 147 -11.49 -6.03 -28.84
C ILE A 147 -11.87 -6.44 -30.27
N ASP A 148 -13.14 -6.80 -30.48
CA ASP A 148 -13.60 -7.26 -31.78
C ASP A 148 -12.75 -8.42 -32.29
N GLY A 149 -12.39 -9.33 -31.38
CA GLY A 149 -11.71 -10.55 -31.76
C GLY A 149 -10.19 -10.50 -31.83
N SER A 150 -9.55 -9.43 -31.39
CA SER A 150 -8.10 -9.35 -31.43
C SER A 150 -7.55 -8.84 -30.10
N GLU A 151 -6.44 -9.45 -29.68
CA GLU A 151 -5.84 -9.13 -28.39
C GLU A 151 -5.32 -7.70 -28.34
N ARG A 152 -5.46 -7.06 -27.18
CA ARG A 152 -5.01 -5.68 -26.98
C ARG A 152 -4.15 -5.61 -25.72
N GLN A 153 -3.05 -4.85 -25.78
CA GLN A 153 -2.07 -4.81 -24.70
C GLN A 153 -1.80 -3.39 -24.19
N ASN A 154 -1.93 -2.40 -25.06
CA ASN A 154 -1.73 -1.02 -24.66
C ASN A 154 -2.90 -0.50 -23.83
N GLY A 155 -2.60 0.41 -22.90
CA GLY A 155 -3.65 1.06 -22.14
C GLY A 155 -4.27 0.25 -21.04
N VAL A 156 -3.66 -0.87 -20.65
CA VAL A 156 -4.14 -1.71 -19.55
C VAL A 156 -3.32 -1.44 -18.31
N LEU A 157 -3.98 -1.34 -17.15
CA LEU A 157 -3.35 -1.16 -15.86
C LEU A 157 -3.99 -2.12 -14.87
N ASN A 158 -3.16 -2.92 -14.17
CA ASN A 158 -3.62 -3.95 -13.25
C ASN A 158 -3.15 -3.64 -11.83
N SER A 159 -4.02 -3.88 -10.85
CA SER A 159 -3.76 -3.50 -9.46
C SER A 159 -4.31 -4.58 -8.51
N TRP A 160 -3.41 -5.31 -7.86
CA TRP A 160 -3.80 -6.27 -6.82
C TRP A 160 -3.97 -5.59 -5.46
N THR A 161 -4.86 -6.14 -4.64
CA THR A 161 -4.94 -5.82 -3.21
C THR A 161 -3.93 -6.67 -2.42
N ASP A 162 -3.68 -6.25 -1.18
CA ASP A 162 -2.96 -7.08 -0.23
C ASP A 162 -3.79 -8.33 0.08
N GLN A 163 -3.11 -9.40 0.49
CA GLN A 163 -3.82 -10.63 0.80
C GLN A 163 -4.91 -10.36 1.83
N ASP A 164 -6.10 -10.88 1.59
CA ASP A 164 -7.25 -10.53 2.41
C ASP A 164 -7.03 -10.96 3.85
N SER A 165 -7.35 -10.07 4.78
CA SER A 165 -7.08 -10.38 6.18
C SER A 165 -7.99 -11.47 6.74
N LYS A 166 -9.16 -11.70 6.12
CA LYS A 166 -10.08 -12.70 6.65
C LYS A 166 -9.99 -14.05 5.94
N ASP A 167 -9.91 -14.10 4.61
CA ASP A 167 -9.88 -15.39 3.92
C ASP A 167 -8.61 -15.68 3.13
N SER A 168 -7.62 -14.79 3.17
CA SER A 168 -6.35 -14.94 2.47
C SER A 168 -6.50 -14.98 0.94
N THR A 169 -7.62 -14.50 0.41
CA THR A 169 -7.72 -14.38 -1.04
C THR A 169 -7.12 -13.07 -1.53
N TYR A 170 -6.85 -13.03 -2.83
CA TYR A 170 -6.44 -11.83 -3.52
C TYR A 170 -7.56 -11.35 -4.44
N SER A 171 -7.60 -10.06 -4.69
CA SER A 171 -8.45 -9.47 -5.71
C SER A 171 -7.61 -8.51 -6.53
N MET A 172 -8.09 -8.23 -7.74
CA MET A 172 -7.35 -7.33 -8.61
C MET A 172 -8.30 -6.71 -9.61
N SER A 173 -8.02 -5.46 -9.96
CA SER A 173 -8.71 -4.73 -11.01
C SER A 173 -7.83 -4.69 -12.25
N SER A 174 -8.46 -4.78 -13.41
CA SER A 174 -7.78 -4.61 -14.69
C SER A 174 -8.61 -3.59 -15.47
N THR A 175 -7.98 -2.47 -15.83
CA THR A 175 -8.69 -1.34 -16.40
C THR A 175 -8.12 -0.97 -17.76
N LEU A 176 -8.99 -0.90 -18.76
CA LEU A 176 -8.62 -0.51 -20.11
C LEU A 176 -9.07 0.93 -20.31
N THR A 177 -8.11 1.86 -20.40
CA THR A 177 -8.44 3.26 -20.63
C THR A 177 -8.19 3.62 -22.08
N LEU A 178 -9.20 4.20 -22.71
CA LEU A 178 -9.15 4.63 -24.09
C LEU A 178 -9.73 6.02 -24.21
N THR A 179 -9.39 6.72 -25.29
CA THR A 179 -10.11 7.95 -25.61
C THR A 179 -11.53 7.59 -26.05
N LYS A 180 -12.44 8.54 -25.89
CA LYS A 180 -13.83 8.28 -26.26
C LYS A 180 -13.95 7.92 -27.74
N ASP A 181 -13.17 8.58 -28.59
CA ASP A 181 -13.25 8.30 -30.02
C ASP A 181 -12.73 6.90 -30.36
N GLU A 182 -11.66 6.45 -29.69
CA GLU A 182 -11.19 5.09 -29.88
C GLU A 182 -12.18 4.07 -29.31
N TYR A 183 -12.85 4.40 -28.21
CA TYR A 183 -13.88 3.50 -27.70
C TYR A 183 -15.04 3.38 -28.66
N GLU A 184 -15.40 4.48 -29.34
CA GLU A 184 -16.59 4.45 -30.17
C GLU A 184 -16.38 3.69 -31.48
N ARG A 185 -15.13 3.37 -31.82
CA ARG A 185 -14.81 2.68 -33.06
C ARG A 185 -14.90 1.16 -32.98
N HIS A 186 -15.16 0.58 -31.81
CA HIS A 186 -15.24 -0.87 -31.67
C HIS A 186 -16.47 -1.25 -30.87
N ASN A 187 -16.85 -2.53 -30.96
CA ASN A 187 -18.12 -2.96 -30.39
C ASN A 187 -17.99 -4.06 -29.33
N SER A 188 -17.24 -5.13 -29.62
CA SER A 188 -17.12 -6.26 -28.70
C SER A 188 -15.93 -6.05 -27.78
N TYR A 189 -16.19 -5.95 -26.47
CA TYR A 189 -15.13 -5.86 -25.46
C TYR A 189 -15.18 -7.08 -24.56
N THR A 190 -14.02 -7.71 -24.33
CA THR A 190 -13.94 -8.96 -23.58
C THR A 190 -12.77 -8.95 -22.60
N CYS A 191 -13.05 -9.36 -21.38
CA CYS A 191 -12.06 -9.53 -20.32
C CYS A 191 -12.03 -11.02 -19.95
N GLU A 192 -10.85 -11.66 -20.12
CA GLU A 192 -10.62 -13.09 -19.83
C GLU A 192 -9.63 -13.28 -18.68
N ALA A 193 -9.97 -14.18 -17.77
CA ALA A 193 -9.08 -14.54 -16.66
C ALA A 193 -8.60 -15.98 -16.86
N THR A 194 -7.28 -16.15 -16.93
CA THR A 194 -6.68 -17.49 -16.96
C THR A 194 -5.86 -17.71 -15.71
N HIS A 195 -6.24 -18.73 -14.95
CA HIS A 195 -5.71 -19.05 -13.63
C HIS A 195 -5.38 -20.53 -13.63
N LYS A 196 -4.57 -20.95 -12.66
CA LYS A 196 -4.22 -22.37 -12.56
C LYS A 196 -5.31 -23.20 -11.88
N THR A 197 -6.44 -22.59 -11.49
CA THR A 197 -7.60 -23.36 -11.05
C THR A 197 -8.28 -24.12 -12.19
N SER A 198 -8.13 -23.65 -13.44
CA SER A 198 -8.69 -24.35 -14.60
C SER A 198 -7.91 -23.98 -15.86
N THR A 199 -7.86 -24.94 -16.80
CA THR A 199 -7.26 -24.71 -18.10
C THR A 199 -8.11 -23.78 -18.97
N SER A 200 -9.45 -23.75 -18.75
CA SER A 200 -10.39 -22.93 -19.53
C SER A 200 -10.60 -21.58 -18.88
N PRO A 201 -10.50 -20.48 -19.62
CA PRO A 201 -10.63 -19.15 -19.03
C PRO A 201 -12.03 -18.87 -18.54
N ILE A 202 -12.14 -17.93 -17.61
CA ILE A 202 -13.38 -17.25 -17.30
C ILE A 202 -13.49 -16.01 -18.20
N VAL A 203 -14.68 -15.75 -18.72
CA VAL A 203 -14.87 -14.78 -19.81
C VAL A 203 -16.09 -13.92 -19.50
N LYS A 204 -15.94 -12.60 -19.55
CA LYS A 204 -17.05 -11.67 -19.49
C LYS A 204 -16.92 -10.64 -20.62
N SER A 205 -18.05 -10.25 -21.21
CA SER A 205 -18.02 -9.40 -22.40
C SER A 205 -19.29 -8.54 -22.47
N PHE A 206 -19.29 -7.62 -23.43
CA PHE A 206 -20.46 -6.81 -23.77
C PHE A 206 -20.21 -6.19 -25.15
N ASN A 207 -21.31 -5.84 -25.81
CA ASN A 207 -21.30 -5.05 -27.04
C ASN A 207 -21.62 -3.59 -26.71
N ARG A 208 -20.78 -2.64 -27.12
CA ARG A 208 -20.99 -1.20 -26.83
C ARG A 208 -22.32 -0.75 -27.40
N ASN A 209 -22.66 -1.30 -28.54
CA ASN A 209 -23.93 -0.95 -29.29
C ASN A 209 -25.20 -1.37 -28.56
N GLU A 210 -25.09 -2.07 -27.45
CA GLU A 210 -26.28 -2.42 -26.65
C GLU A 210 -26.35 -1.38 -25.53
N CYS A 211 -27.55 -0.95 -25.18
CA CYS A 211 -27.74 0.03 -24.10
C CYS A 211 -27.04 1.37 -24.41
N GLU B 1 0.72 4.54 26.58
CA GLU B 1 1.60 5.36 27.43
C GLU B 1 2.55 6.21 26.58
N VAL B 2 3.64 5.59 26.10
CA VAL B 2 4.56 6.28 25.21
C VAL B 2 3.84 6.65 23.92
N GLN B 3 4.03 7.88 23.46
CA GLN B 3 3.43 8.35 22.21
C GLN B 3 4.43 9.21 21.47
N LEU B 4 4.52 9.01 20.15
CA LEU B 4 5.28 9.87 19.26
C LEU B 4 4.36 10.26 18.13
N VAL B 5 4.25 11.57 17.86
CA VAL B 5 3.25 12.11 16.94
C VAL B 5 3.91 13.10 15.99
N GLU B 6 4.07 12.72 14.72
CA GLU B 6 4.69 13.51 13.67
C GLU B 6 3.71 14.48 13.02
N SER B 7 4.25 15.53 12.42
CA SER B 7 3.46 16.48 11.65
C SER B 7 4.37 17.30 10.73
N GLY B 8 3.74 18.13 9.91
CA GLY B 8 4.41 19.05 9.03
C GLY B 8 4.71 18.52 7.64
N GLY B 9 4.30 17.30 7.32
CA GLY B 9 4.50 16.78 5.98
C GLY B 9 3.56 17.43 4.99
N GLY B 10 3.86 17.24 3.71
CA GLY B 10 2.98 17.73 2.68
C GLY B 10 3.64 17.70 1.32
N LEU B 11 2.98 18.33 0.36
CA LEU B 11 3.50 18.52 -0.98
C LEU B 11 4.52 19.64 -0.98
N VAL B 12 5.53 19.53 -1.82
CA VAL B 12 6.58 20.54 -1.87
C VAL B 12 7.25 20.47 -3.23
N LYS B 13 7.53 21.64 -3.78
CA LYS B 13 8.14 21.71 -5.10
C LYS B 13 9.62 21.33 -5.00
N PRO B 14 10.22 20.82 -6.08
CA PRO B 14 11.66 20.54 -6.05
C PRO B 14 12.44 21.83 -5.78
N GLY B 15 13.50 21.69 -4.99
CA GLY B 15 14.32 22.80 -4.55
C GLY B 15 13.83 23.52 -3.31
N GLY B 16 12.67 23.14 -2.76
CA GLY B 16 12.10 23.79 -1.61
C GLY B 16 12.61 23.23 -0.28
N SER B 17 11.89 23.58 0.78
CA SER B 17 12.28 23.23 2.14
C SER B 17 11.03 22.88 2.94
N LEU B 18 11.24 22.17 4.05
CA LEU B 18 10.15 21.67 4.90
C LEU B 18 10.70 21.32 6.28
N LYS B 19 9.97 21.67 7.34
CA LYS B 19 10.39 21.32 8.70
C LYS B 19 9.37 20.35 9.30
N LEU B 20 9.84 19.17 9.69
CA LEU B 20 8.98 18.15 10.27
C LEU B 20 9.12 18.15 11.78
N SER B 21 8.02 17.87 12.48
CA SER B 21 8.00 17.87 13.94
C SER B 21 7.55 16.52 14.45
N CYS B 22 7.99 16.20 15.68
CA CYS B 22 7.65 14.96 16.35
C CYS B 22 7.41 15.26 17.84
N ALA B 23 6.15 15.27 18.27
CA ALA B 23 5.80 15.57 19.65
C ALA B 23 5.79 14.30 20.48
N ALA B 24 6.41 14.35 21.65
CA ALA B 24 6.59 13.18 22.49
C ALA B 24 5.78 13.31 23.77
N SER B 25 5.41 12.17 24.34
CA SER B 25 4.70 12.07 25.60
C SER B 25 5.06 10.74 26.25
N GLY B 26 4.82 10.64 27.57
CA GLY B 26 4.85 9.37 28.27
C GLY B 26 6.21 8.89 28.76
N PHE B 27 7.28 9.65 28.52
CA PHE B 27 8.61 9.26 28.96
C PHE B 27 9.46 10.53 29.12
N ALA B 28 10.60 10.36 29.78
CA ALA B 28 11.50 11.48 30.04
C ALA B 28 12.27 11.73 28.75
N PHE B 29 11.72 12.62 27.92
CA PHE B 29 12.20 12.76 26.55
C PHE B 29 13.70 13.08 26.50
N GLY B 30 14.21 13.76 27.51
CA GLY B 30 15.59 14.21 27.47
C GLY B 30 16.62 13.15 27.75
N ASN B 31 16.21 11.95 28.17
CA ASN B 31 17.14 10.85 28.46
C ASN B 31 17.40 9.93 27.27
N TYR B 32 16.78 10.15 26.12
CA TYR B 32 16.80 9.15 25.06
C TYR B 32 17.35 9.76 23.77
N ASP B 33 18.24 9.00 23.12
CA ASP B 33 18.61 9.28 21.74
C ASP B 33 17.39 9.09 20.84
N MET B 34 17.31 9.89 19.77
CA MET B 34 16.15 9.94 18.87
C MET B 34 16.66 9.83 17.42
N SER B 35 15.79 9.38 16.50
CA SER B 35 16.19 9.26 15.09
C SER B 35 15.01 9.57 14.15
N TRP B 36 15.35 9.88 12.90
CA TRP B 36 14.38 9.94 11.81
C TRP B 36 14.71 8.84 10.82
N VAL B 37 13.70 8.05 10.43
CA VAL B 37 13.80 7.01 9.40
C VAL B 37 12.73 7.31 8.35
N ARG B 38 13.05 7.07 7.08
CA ARG B 38 12.10 7.35 6.01
C ARG B 38 11.90 6.10 5.17
N GLN B 39 10.68 5.92 4.68
CA GLN B 39 10.34 4.80 3.81
C GLN B 39 9.90 5.36 2.46
N THR B 40 10.63 4.98 1.40
CA THR B 40 10.41 5.41 0.02
C THR B 40 9.16 4.74 -0.56
N PRO B 41 8.68 5.18 -1.75
CA PRO B 41 7.53 4.54 -2.38
C PRO B 41 7.83 3.07 -2.67
N GLU B 42 9.10 2.73 -2.85
CA GLU B 42 9.51 1.32 -3.09
C GLU B 42 9.59 0.57 -1.76
N LYS B 43 9.14 1.18 -0.66
CA LYS B 43 9.11 0.53 0.68
C LYS B 43 10.53 0.38 1.26
N ARG B 44 11.54 0.96 0.61
CA ARG B 44 12.90 0.95 1.15
C ARG B 44 13.03 1.86 2.39
N LEU B 45 13.73 1.37 3.41
CA LEU B 45 13.90 2.11 4.66
C LEU B 45 15.32 2.64 4.79
N GLU B 46 15.46 3.93 5.10
CA GLU B 46 16.74 4.64 5.10
C GLU B 46 16.87 5.43 6.39
N TRP B 47 17.97 5.25 7.12
CA TRP B 47 18.26 5.99 8.35
C TRP B 47 18.73 7.41 8.01
N VAL B 48 17.88 8.42 8.27
CA VAL B 48 18.15 9.78 7.82
C VAL B 48 19.07 10.53 8.79
N ALA B 49 18.76 10.49 10.08
CA ALA B 49 19.47 11.31 11.05
C ALA B 49 19.27 10.76 12.45
N PHE B 50 20.25 11.04 13.31
CA PHE B 50 20.29 10.58 14.69
C PHE B 50 20.70 11.76 15.54
N ILE B 51 20.16 11.88 16.75
CA ILE B 51 20.61 12.91 17.67
C ILE B 51 20.64 12.36 19.09
N GLY B 52 21.74 12.60 19.79
CA GLY B 52 21.87 12.15 21.14
C GLY B 52 20.96 12.92 22.07
N SER B 53 20.82 12.37 23.28
CA SER B 53 19.83 12.88 24.22
C SER B 53 20.07 14.36 24.54
N GLY B 54 21.33 14.77 24.63
CA GLY B 54 21.65 16.15 24.96
C GLY B 54 21.65 17.12 23.80
N GLY B 55 21.49 16.65 22.57
CA GLY B 55 21.56 17.50 21.41
C GLY B 55 22.97 17.80 20.92
N GLY B 56 23.98 17.22 21.56
CA GLY B 56 25.37 17.47 21.23
C GLY B 56 26.06 16.42 20.38
N ARG B 57 25.34 15.38 19.97
CA ARG B 57 25.91 14.31 19.11
C ARG B 57 24.95 14.09 17.94
N ILE B 58 25.45 14.10 16.71
CA ILE B 58 24.56 14.07 15.55
C ILE B 58 25.22 13.25 14.44
N TYR B 59 24.39 12.48 13.72
CA TYR B 59 24.86 11.70 12.55
C TYR B 59 23.80 11.82 11.44
N TYR B 60 24.18 11.55 10.20
CA TYR B 60 23.28 11.64 9.05
C TYR B 60 23.54 10.46 8.11
N GLY B 61 22.51 10.11 7.34
CA GLY B 61 22.64 9.08 6.33
C GLY B 61 23.42 9.55 5.10
N ASP B 62 23.80 8.57 4.27
CA ASP B 62 24.82 8.80 3.25
C ASP B 62 24.38 9.78 2.17
N THR B 63 23.09 9.78 1.79
CA THR B 63 22.62 10.67 0.74
C THR B 63 22.16 12.03 1.26
N MET B 64 22.26 12.27 2.56
CA MET B 64 21.76 13.53 3.10
C MET B 64 22.64 14.71 2.69
N LYS B 65 23.97 14.52 2.70
CA LYS B 65 24.92 15.43 2.03
C LYS B 65 24.69 16.87 2.44
N GLY B 66 24.40 17.08 3.72
CA GLY B 66 24.32 18.42 4.29
C GLY B 66 23.00 19.14 4.11
N ARG B 67 22.02 18.55 3.41
CA ARG B 67 20.72 19.20 3.19
C ARG B 67 19.73 18.99 4.34
N PHE B 68 20.04 18.14 5.31
CA PHE B 68 19.14 17.85 6.42
C PHE B 68 19.77 18.32 7.73
N THR B 69 18.95 18.83 8.66
CA THR B 69 19.46 19.27 9.96
C THR B 69 18.52 18.77 11.05
N ILE B 70 19.01 17.81 11.91
CA ILE B 70 18.17 17.31 13.00
C ILE B 70 18.44 18.12 14.26
N SER B 71 17.39 18.41 15.03
CA SER B 71 17.48 19.18 16.26
C SER B 71 16.34 18.79 17.19
N ARG B 72 16.43 19.21 18.45
CA ARG B 72 15.43 18.88 19.46
C ARG B 72 15.34 20.00 20.48
N ASP B 73 14.20 20.04 21.15
CA ASP B 73 13.90 20.97 22.24
C ASP B 73 13.37 20.10 23.39
N ASN B 74 14.28 19.68 24.27
CA ASN B 74 13.90 18.81 25.38
C ASN B 74 12.89 19.46 26.31
N ALA B 75 12.83 20.80 26.33
CA ALA B 75 11.83 21.48 27.16
C ALA B 75 10.41 21.27 26.67
N LYS B 76 10.21 21.15 25.36
CA LYS B 76 8.89 20.98 24.78
C LYS B 76 8.68 19.56 24.25
N ASN B 77 9.56 18.63 24.60
CA ASN B 77 9.46 17.22 24.24
C ASN B 77 9.24 17.02 22.73
N THR B 78 9.94 17.82 21.92
CA THR B 78 9.74 17.79 20.48
C THR B 78 11.07 17.58 19.74
N LEU B 79 11.03 16.72 18.72
CA LEU B 79 12.13 16.52 17.78
C LEU B 79 11.75 17.08 16.41
N TYR B 80 12.75 17.62 15.71
CA TYR B 80 12.56 18.25 14.40
C TYR B 80 13.53 17.69 13.38
N LEU B 81 13.17 17.87 12.12
CA LEU B 81 14.07 17.63 10.99
C LEU B 81 13.83 18.70 9.96
N GLN B 82 14.84 19.54 9.72
CA GLN B 82 14.79 20.59 8.72
C GLN B 82 15.31 20.03 7.39
N MET B 83 14.49 20.15 6.34
CA MET B 83 14.86 19.71 5.01
C MET B 83 15.05 20.92 4.11
N SER B 84 16.02 20.87 3.21
CA SER B 84 16.23 21.94 2.24
C SER B 84 16.78 21.38 0.94
N SER B 85 16.53 22.12 -0.15
CA SER B 85 16.93 21.71 -1.51
C SER B 85 16.40 20.32 -1.86
N LEU B 86 15.12 20.13 -1.57
CA LEU B 86 14.51 18.82 -1.69
C LEU B 86 14.47 18.34 -3.14
N LYS B 87 14.69 17.03 -3.31
CA LYS B 87 14.71 16.39 -4.62
C LYS B 87 13.63 15.32 -4.67
N SER B 88 13.38 14.84 -5.89
CA SER B 88 12.35 13.84 -6.10
C SER B 88 12.65 12.55 -5.32
N GLU B 89 13.93 12.23 -5.12
CA GLU B 89 14.30 11.04 -4.36
C GLU B 89 14.03 11.18 -2.87
N ASP B 90 13.76 12.40 -2.39
CA ASP B 90 13.46 12.62 -0.98
C ASP B 90 12.00 12.33 -0.65
N THR B 91 11.16 12.03 -1.64
CA THR B 91 9.79 11.65 -1.34
C THR B 91 9.76 10.35 -0.53
N ALA B 92 9.01 10.34 0.56
CA ALA B 92 8.98 9.20 1.47
C ALA B 92 8.00 9.50 2.60
N MET B 93 7.68 8.46 3.39
CA MET B 93 7.05 8.56 4.70
C MET B 93 8.15 8.74 5.76
N TYR B 94 8.08 9.82 6.54
CA TYR B 94 9.13 10.14 7.52
C TYR B 94 8.69 9.78 8.94
N TYR B 95 9.51 8.98 9.63
CA TYR B 95 9.15 8.42 10.93
C TYR B 95 10.07 8.96 12.02
N CYS B 96 9.46 9.18 13.17
CA CYS B 96 10.17 9.57 14.40
C CYS B 96 10.36 8.29 15.20
N THR B 97 11.58 8.01 15.63
CA THR B 97 11.85 6.79 16.39
C THR B 97 12.72 7.08 17.62
N ARG B 98 12.62 6.19 18.62
CA ARG B 98 13.35 6.29 19.88
C ARG B 98 14.26 5.09 20.07
N HIS B 99 15.42 5.33 20.70
CA HIS B 99 16.45 4.33 20.95
C HIS B 99 16.41 3.81 22.39
N TYR B 100 16.75 2.53 22.53
CA TYR B 100 16.62 1.78 23.78
C TYR B 100 17.94 1.69 24.55
N ASN B 101 18.98 1.16 23.94
CA ASN B 101 20.31 1.09 24.53
C ASN B 101 21.31 1.46 23.45
N TYR B 102 22.59 1.14 23.67
CA TYR B 102 23.66 1.63 22.81
C TYR B 102 24.01 0.66 21.67
N TYR B 103 23.13 -0.29 21.38
CA TYR B 103 23.15 -1.01 20.10
C TYR B 103 22.12 -0.47 19.10
N TYR B 104 21.39 0.59 19.47
CA TYR B 104 20.61 1.46 18.56
C TYR B 104 19.44 0.76 17.85
N SER B 105 18.84 -0.27 18.46
CA SER B 105 17.51 -0.63 18.01
C SER B 105 16.54 0.50 18.37
N MET B 106 15.42 0.51 17.66
CA MET B 106 14.42 1.57 17.73
C MET B 106 13.14 0.96 18.34
N ASP B 107 12.92 1.19 19.65
CA ASP B 107 11.88 0.44 20.37
C ASP B 107 10.48 1.06 20.28
N TYR B 108 10.35 2.31 19.83
CA TYR B 108 9.04 2.90 19.57
C TYR B 108 9.13 3.77 18.32
N TRP B 109 8.06 3.77 17.55
CA TRP B 109 7.96 4.53 16.30
C TRP B 109 6.70 5.37 16.31
N GLY B 110 6.74 6.50 15.62
CA GLY B 110 5.55 7.30 15.43
C GLY B 110 4.69 6.82 14.25
N GLN B 111 3.54 7.50 14.06
CA GLN B 111 2.58 7.12 13.01
C GLN B 111 3.08 7.47 11.61
N GLY B 112 4.04 8.38 11.50
CA GLY B 112 4.61 8.75 10.22
C GLY B 112 3.94 9.99 9.65
N THR B 113 4.73 10.77 8.90
CA THR B 113 4.20 11.93 8.21
C THR B 113 4.78 11.94 6.80
N SER B 114 3.92 12.14 5.80
CA SER B 114 4.30 11.88 4.42
C SER B 114 4.85 13.14 3.76
N VAL B 115 5.90 12.98 2.95
CA VAL B 115 6.49 14.08 2.22
C VAL B 115 6.54 13.71 0.74
N ILE B 116 6.07 14.61 -0.12
CA ILE B 116 5.95 14.38 -1.55
C ILE B 116 6.59 15.56 -2.27
N VAL B 117 7.62 15.29 -3.07
CA VAL B 117 8.37 16.30 -3.79
C VAL B 117 8.03 16.18 -5.27
N SER B 118 7.22 17.10 -5.79
CA SER B 118 6.96 17.16 -7.24
C SER B 118 6.36 18.51 -7.62
N SER B 119 6.27 18.73 -8.94
CA SER B 119 5.65 19.91 -9.52
C SER B 119 4.13 19.81 -9.64
N ALA B 120 3.56 18.63 -9.37
CA ALA B 120 2.12 18.42 -9.50
C ALA B 120 1.34 19.25 -8.47
N LYS B 121 0.14 19.66 -8.83
CA LYS B 121 -0.69 20.44 -7.92
C LYS B 121 -1.91 19.64 -7.47
N THR B 122 -2.41 20.00 -6.27
CA THR B 122 -3.54 19.31 -5.70
C THR B 122 -4.70 19.36 -6.66
N THR B 123 -5.35 18.21 -6.89
CA THR B 123 -6.43 18.10 -7.86
C THR B 123 -7.47 17.18 -7.26
N PRO B 124 -8.73 17.60 -7.21
CA PRO B 124 -9.80 16.72 -6.73
C PRO B 124 -10.08 15.62 -7.74
N PRO B 125 -10.72 14.54 -7.32
CA PRO B 125 -10.95 13.42 -8.23
C PRO B 125 -12.31 13.48 -8.93
N SER B 126 -12.42 12.89 -10.12
CA SER B 126 -13.71 12.63 -10.73
C SER B 126 -14.19 11.25 -10.29
N VAL B 127 -15.50 11.10 -10.17
CA VAL B 127 -16.08 9.89 -9.62
C VAL B 127 -17.20 9.42 -10.52
N TYR B 128 -17.10 8.17 -10.98
CA TYR B 128 -17.99 7.63 -11.98
C TYR B 128 -18.67 6.37 -11.48
N PRO B 129 -20.00 6.31 -11.50
CA PRO B 129 -20.70 5.06 -11.13
C PRO B 129 -20.40 3.94 -12.11
N LEU B 130 -20.33 2.71 -11.60
CA LEU B 130 -20.10 1.51 -12.41
C LEU B 130 -21.30 0.58 -12.22
N ALA B 131 -22.40 0.81 -13.05
CA ALA B 131 -23.51 -0.12 -13.13
C ALA B 131 -23.26 -1.13 -14.26
N PRO B 132 -23.82 -2.36 -14.22
CA PRO B 132 -23.54 -3.36 -15.24
C PRO B 132 -23.89 -2.94 -16.69
N GLY B 133 -25.06 -2.37 -16.89
CA GLY B 133 -25.50 -1.96 -18.23
C GLY B 133 -25.54 -3.09 -19.24
N SER B 134 -24.89 -2.92 -20.39
CA SER B 134 -24.84 -3.93 -21.47
C SER B 134 -24.21 -5.24 -20.95
N ALA B 135 -23.60 -5.21 -19.77
CA ALA B 135 -22.98 -6.41 -19.17
C ALA B 135 -23.81 -6.87 -17.96
N ALA B 136 -25.12 -6.94 -18.14
CA ALA B 136 -26.05 -7.37 -17.06
C ALA B 136 -25.66 -8.74 -16.51
N GLN B 137 -25.83 -8.93 -15.20
CA GLN B 137 -25.46 -10.21 -14.56
C GLN B 137 -26.74 -10.99 -14.25
N THR B 138 -26.63 -12.23 -13.74
CA THR B 138 -27.86 -13.03 -13.52
C THR B 138 -27.81 -13.98 -12.31
N ASN B 139 -26.88 -13.80 -11.37
CA ASN B 139 -26.73 -14.75 -10.23
C ASN B 139 -27.48 -14.25 -8.99
N SER B 140 -27.43 -15.02 -7.90
CA SER B 140 -27.99 -14.53 -6.64
C SER B 140 -27.31 -13.24 -6.14
N MET B 141 -26.15 -12.92 -6.71
CA MET B 141 -25.39 -11.74 -6.28
C MET B 141 -25.10 -10.84 -7.47
N VAL B 142 -24.96 -9.55 -7.18
CA VAL B 142 -24.60 -8.56 -8.21
C VAL B 142 -23.39 -7.79 -7.69
N THR B 143 -22.48 -7.42 -8.59
CA THR B 143 -21.32 -6.64 -8.21
C THR B 143 -21.35 -5.27 -8.89
N LEU B 144 -21.14 -4.22 -8.10
CA LEU B 144 -21.17 -2.85 -8.54
C LEU B 144 -19.83 -2.18 -8.20
N GLY B 145 -19.58 -0.99 -8.73
CA GLY B 145 -18.32 -0.37 -8.44
C GLY B 145 -18.35 1.15 -8.57
N CYS B 146 -17.23 1.78 -8.21
CA CYS B 146 -17.01 3.20 -8.46
C CYS B 146 -15.60 3.38 -8.99
N LEU B 147 -15.47 4.25 -10.00
CA LEU B 147 -14.18 4.63 -10.58
C LEU B 147 -13.81 6.01 -10.07
N VAL B 148 -12.60 6.15 -9.53
CA VAL B 148 -12.11 7.42 -8.99
C VAL B 148 -10.87 7.80 -9.78
N LYS B 149 -10.97 8.86 -10.59
CA LYS B 149 -9.92 9.18 -11.54
C LYS B 149 -9.42 10.63 -11.39
N GLY B 150 -8.11 10.81 -11.54
CA GLY B 150 -7.55 12.13 -11.71
C GLY B 150 -7.25 12.96 -10.47
N TYR B 151 -6.99 12.34 -9.33
CA TYR B 151 -6.66 13.10 -8.13
C TYR B 151 -5.17 13.12 -7.80
N PHE B 152 -4.78 14.12 -6.99
CA PHE B 152 -3.44 14.25 -6.45
C PHE B 152 -3.54 15.18 -5.26
N PRO B 153 -2.81 14.93 -4.17
CA PRO B 153 -2.04 13.71 -3.94
C PRO B 153 -2.88 12.56 -3.33
N GLU B 154 -2.23 11.42 -3.12
CA GLU B 154 -2.82 10.36 -2.33
C GLU B 154 -3.03 10.86 -0.89
N PRO B 155 -4.01 10.31 -0.16
CA PRO B 155 -4.93 9.24 -0.54
C PRO B 155 -6.36 9.70 -0.72
N VAL B 156 -7.23 8.80 -1.16
CA VAL B 156 -8.67 8.96 -1.02
C VAL B 156 -9.17 7.85 -0.11
N THR B 157 -10.31 8.09 0.52
CA THR B 157 -10.99 7.05 1.29
C THR B 157 -12.33 6.77 0.63
N VAL B 158 -12.64 5.49 0.45
CA VAL B 158 -13.88 5.06 -0.19
C VAL B 158 -14.70 4.25 0.80
N THR B 159 -15.99 4.55 0.89
CA THR B 159 -16.94 3.75 1.67
C THR B 159 -18.22 3.55 0.86
N TRP B 160 -19.05 2.60 1.32
CA TRP B 160 -20.28 2.23 0.65
C TRP B 160 -21.44 2.35 1.62
N ASN B 161 -22.50 3.05 1.20
CA ASN B 161 -23.66 3.29 2.07
C ASN B 161 -23.20 3.76 3.45
N SER B 162 -22.18 4.64 3.46
CA SER B 162 -21.61 5.24 4.68
C SER B 162 -20.97 4.20 5.59
N GLY B 163 -20.36 3.16 5.00
CA GLY B 163 -19.72 2.13 5.79
C GLY B 163 -20.66 1.05 6.29
N SER B 164 -21.96 1.18 6.03
CA SER B 164 -22.93 0.12 6.37
C SER B 164 -22.84 -1.09 5.43
N LEU B 165 -22.29 -0.93 4.24
CA LEU B 165 -21.85 -2.06 3.43
C LEU B 165 -20.35 -2.16 3.65
N SER B 166 -19.93 -2.97 4.60
CA SER B 166 -18.50 -3.18 4.85
C SER B 166 -18.00 -4.49 4.26
N SER B 167 -18.71 -5.57 4.53
CA SER B 167 -18.44 -6.86 3.93
C SER B 167 -18.62 -6.81 2.42
N GLY B 168 -17.79 -7.55 1.70
CA GLY B 168 -17.92 -7.59 0.25
C GLY B 168 -17.38 -6.37 -0.48
N VAL B 169 -16.47 -5.61 0.13
CA VAL B 169 -15.84 -4.44 -0.48
C VAL B 169 -14.39 -4.75 -0.81
N HIS B 170 -13.97 -4.38 -2.02
CA HIS B 170 -12.56 -4.37 -2.40
C HIS B 170 -12.27 -3.01 -2.99
N THR B 171 -11.35 -2.27 -2.36
CA THR B 171 -10.90 -0.96 -2.83
C THR B 171 -9.44 -1.10 -3.22
N PHE B 172 -9.17 -1.01 -4.51
CA PHE B 172 -7.87 -1.38 -5.04
C PHE B 172 -6.85 -0.25 -4.85
N PRO B 173 -5.57 -0.59 -4.70
CA PRO B 173 -4.55 0.43 -4.52
C PRO B 173 -4.50 1.32 -5.75
N ALA B 174 -4.19 2.60 -5.52
CA ALA B 174 -4.19 3.60 -6.59
C ALA B 174 -2.97 3.43 -7.49
N VAL B 175 -3.12 3.90 -8.73
CA VAL B 175 -2.00 3.91 -9.68
C VAL B 175 -1.97 5.26 -10.40
N LEU B 176 -0.75 5.69 -10.72
CA LEU B 176 -0.50 6.94 -11.43
C LEU B 176 -0.77 6.77 -12.93
N GLN B 177 -1.61 7.65 -13.48
CA GLN B 177 -2.05 7.58 -14.87
C GLN B 177 -2.15 9.01 -15.38
N SER B 178 -1.26 9.39 -16.31
CA SER B 178 -1.03 10.79 -16.67
C SER B 178 -0.59 11.60 -15.45
N ASP B 179 0.22 10.98 -14.59
CA ASP B 179 0.73 11.61 -13.38
C ASP B 179 -0.38 12.09 -12.44
N LEU B 180 -1.53 11.41 -12.47
CA LEU B 180 -2.65 11.62 -11.56
C LEU B 180 -3.16 10.25 -11.13
N TYR B 181 -3.66 10.17 -9.90
CA TYR B 181 -4.01 8.87 -9.34
C TYR B 181 -5.39 8.42 -9.78
N THR B 182 -5.55 7.10 -9.92
CA THR B 182 -6.83 6.47 -10.26
C THR B 182 -6.96 5.16 -9.49
N LEU B 183 -8.17 4.87 -9.01
CA LEU B 183 -8.45 3.57 -8.44
C LEU B 183 -9.93 3.27 -8.62
N SER B 184 -10.28 2.00 -8.42
CA SER B 184 -11.68 1.60 -8.42
C SER B 184 -11.97 0.84 -7.14
N SER B 185 -13.24 0.80 -6.79
CA SER B 185 -13.73 0.07 -5.63
C SER B 185 -14.95 -0.73 -6.05
N SER B 186 -15.05 -1.95 -5.57
CA SER B 186 -16.18 -2.78 -5.95
C SER B 186 -16.91 -3.21 -4.70
N VAL B 187 -18.22 -3.43 -4.85
CA VAL B 187 -19.05 -3.95 -3.77
C VAL B 187 -19.97 -5.02 -4.35
N THR B 188 -20.25 -6.06 -3.55
CA THR B 188 -21.13 -7.17 -3.95
C THR B 188 -22.28 -7.26 -2.95
N VAL B 189 -23.51 -7.24 -3.47
CA VAL B 189 -24.73 -7.30 -2.68
C VAL B 189 -25.65 -8.37 -3.29
N PRO B 190 -26.63 -8.87 -2.53
CA PRO B 190 -27.61 -9.76 -3.16
C PRO B 190 -28.31 -9.04 -4.31
N SER B 191 -28.50 -9.74 -5.42
CA SER B 191 -29.13 -9.10 -6.57
C SER B 191 -30.60 -8.74 -6.32
N SER B 192 -31.27 -9.43 -5.39
CA SER B 192 -32.65 -9.09 -5.03
C SER B 192 -32.77 -7.73 -4.38
N THR B 193 -31.67 -7.19 -3.83
CA THR B 193 -31.71 -5.94 -3.09
C THR B 193 -31.37 -4.72 -3.94
N TRP B 194 -31.05 -4.90 -5.23
CA TRP B 194 -30.64 -3.77 -6.06
C TRP B 194 -31.35 -3.93 -7.39
N PRO B 195 -31.99 -2.88 -7.89
CA PRO B 195 -31.95 -1.50 -7.35
C PRO B 195 -32.95 -1.14 -6.24
N SER B 196 -33.70 -2.13 -5.70
CA SER B 196 -34.76 -1.80 -4.74
CA SER B 196 -34.75 -1.80 -4.74
C SER B 196 -34.20 -1.12 -3.50
N GLU B 197 -32.95 -1.40 -3.13
CA GLU B 197 -32.29 -0.74 -2.01
C GLU B 197 -31.08 0.01 -2.56
N THR B 198 -30.98 1.29 -2.22
CA THR B 198 -29.96 2.15 -2.84
C THR B 198 -28.55 1.77 -2.41
N VAL B 199 -27.60 2.01 -3.31
CA VAL B 199 -26.18 1.69 -3.12
C VAL B 199 -25.38 2.91 -3.57
N THR B 200 -24.59 3.48 -2.65
CA THR B 200 -23.88 4.72 -2.90
C THR B 200 -22.43 4.60 -2.45
N CYS B 201 -21.52 5.12 -3.27
CA CYS B 201 -20.13 5.17 -2.85
C CYS B 201 -19.81 6.57 -2.34
N ASN B 202 -19.03 6.62 -1.27
CA ASN B 202 -18.67 7.86 -0.59
C ASN B 202 -17.17 8.06 -0.79
N VAL B 203 -16.82 9.06 -1.57
CA VAL B 203 -15.43 9.37 -1.87
C VAL B 203 -15.05 10.63 -1.10
N ALA B 204 -13.90 10.57 -0.43
CA ALA B 204 -13.38 11.68 0.35
C ALA B 204 -11.93 11.91 -0.04
N HIS B 205 -11.61 13.14 -0.43
CA HIS B 205 -10.23 13.54 -0.74
C HIS B 205 -9.85 14.65 0.24
N PRO B 206 -9.23 14.32 1.36
CA PRO B 206 -8.95 15.38 2.36
C PRO B 206 -8.10 16.51 1.81
N ALA B 207 -7.09 16.21 0.97
CA ALA B 207 -6.16 17.26 0.56
C ALA B 207 -6.82 18.33 -0.31
N SER B 208 -7.86 17.97 -1.10
CA SER B 208 -8.61 18.96 -1.84
C SER B 208 -9.86 19.41 -1.11
N SER B 209 -10.12 18.84 0.06
CA SER B 209 -11.31 19.11 0.86
C SER B 209 -12.60 18.84 0.07
N THR B 210 -12.62 17.74 -0.70
CA THR B 210 -13.80 17.37 -1.47
C THR B 210 -14.39 16.08 -0.93
N LYS B 211 -15.73 16.01 -0.97
CA LYS B 211 -16.48 14.79 -0.60
C LYS B 211 -17.61 14.64 -1.61
N VAL B 212 -17.71 13.52 -2.31
CA VAL B 212 -18.75 13.30 -3.32
C VAL B 212 -19.45 11.99 -3.02
N ASP B 213 -20.74 11.93 -3.34
CA ASP B 213 -21.55 10.72 -3.32
C ASP B 213 -22.01 10.42 -4.73
N LYS B 214 -21.82 9.18 -5.16
CA LYS B 214 -22.34 8.72 -6.44
C LYS B 214 -23.29 7.55 -6.16
N LYS B 215 -24.59 7.82 -6.28
CA LYS B 215 -25.58 6.77 -6.31
C LYS B 215 -25.35 5.90 -7.55
N ILE B 216 -25.44 4.58 -7.37
CA ILE B 216 -25.32 3.62 -8.49
C ILE B 216 -26.73 3.40 -9.03
N VAL B 217 -27.06 4.01 -10.17
CA VAL B 217 -28.40 3.81 -10.74
C VAL B 217 -28.30 2.90 -11.96
N PRO B 218 -29.28 2.02 -12.20
CA PRO B 218 -29.27 1.25 -13.45
C PRO B 218 -29.29 2.15 -14.67
N ARG B 219 -28.50 1.79 -15.67
CA ARG B 219 -28.34 2.65 -16.87
C ARG B 219 -29.64 2.83 -17.65
N ASP B 220 -29.81 3.99 -18.29
CA ASP B 220 -30.98 4.18 -19.18
C ASP B 220 -30.55 3.78 -20.60
N CYS B 221 -30.92 2.58 -21.04
CA CYS B 221 -30.49 2.05 -22.34
C CYS B 221 -31.26 2.66 -23.51
C1 HCY C . 27.86 5.77 15.71
C2 HCY C . 28.19 5.82 17.19
C3 HCY C . 27.31 6.79 17.90
C4 HCY C . 25.93 6.82 17.46
C5 HCY C . 25.48 6.22 16.35
C6 HCY C . 24.03 6.26 15.99
C7 HCY C . 23.82 6.81 14.59
C8 HCY C . 24.60 6.01 13.56
C9 HCY C . 26.09 5.95 13.94
C10 HCY C . 26.38 5.47 15.39
C12 HCY C . 26.74 5.93 11.45
C11 HCY C . 27.01 5.35 12.85
C13 HCY C . 25.25 5.96 11.06
C14 HCY C . 24.48 6.66 12.19
C15 HCY C . 23.11 6.89 11.58
C16 HCY C . 23.42 7.29 10.12
C17 HCY C . 24.90 6.92 9.87
C18 HCY C . 24.72 4.56 10.76
C19 HCY C . 26.12 3.96 15.59
C20 HCY C . 25.14 6.32 8.49
C21 HCY C . 26.58 6.11 8.07
O1 HCY C . 27.73 7.52 18.79
O2 HCY C . 26.93 3.93 12.79
O3 HCY C . 25.75 8.06 9.99
O4 HCY C . 24.25 6.01 7.75
O5 HCY C . 26.66 5.31 6.92
#